data_8CWT
#
_entry.id   8CWT
#
_cell.length_a   121.826
_cell.length_b   121.826
_cell.length_c   114.305
_cell.angle_alpha   90.000
_cell.angle_beta   90.000
_cell.angle_gamma   90.000
#
_symmetry.space_group_name_H-M   'P 43 21 2'
#
loop_
_entity.id
_entity.type
_entity.pdbx_description
1 polymer 'Redox- and pH-responsive transcriptional regulator WhiB3'
2 polymer 'RNA polymerase sigma factor SigA,DNA-directed RNA polymerase subunit beta'
3 non-polymer 'IRON/SULFUR CLUSTER'
4 non-polymer 'SULFATE ION'
5 non-polymer 'NICKEL (II) ION'
6 non-polymer 2-AMINO-2-HYDROXYMETHYL-PROPANE-1,3-DIOL
7 water water
#
loop_
_entity_poly.entity_id
_entity_poly.type
_entity_poly.pdbx_seq_one_letter_code
_entity_poly.pdbx_strand_id
1 'polypeptide(L)'
;MPQPEQLPGPNADIWNWQLQGLCRGMDSSMFFHPDGERGRARTQREQRAKEMCRRCPVIEACRSHALEVGEPYGVWGGLS
ESERDLLLKG
;
A,C,E
2 'polypeptide(L)'
;MAHHHHHHVAVDAVSFTLLQDQLQSVLDTLSEREAGVVRLRFGLTDGQPRTLDEIGQVYGVTRERIRQIESKTMSKLRHP
SRSQVLRDYLDGSSGSGTPEERLLRAIFGEKA
;
B,D,F
#
loop_
_chem_comp.id
_chem_comp.type
_chem_comp.name
_chem_comp.formula
NI non-polymer 'NICKEL (II) ION' 'Ni 2'
SF4 non-polymer 'IRON/SULFUR CLUSTER' 'Fe4 S4'
SO4 non-polymer 'SULFATE ION' 'O4 S -2'
TRS non-polymer 2-AMINO-2-HYDROXYMETHYL-PROPANE-1,3-DIOL 'C4 H12 N O3 1'
#
# COMPACT_ATOMS: atom_id res chain seq x y z
N TRP A 15 15.53 -16.96 -3.40
CA TRP A 15 16.51 -18.02 -3.63
C TRP A 15 17.89 -17.36 -3.46
N ASN A 16 18.32 -17.20 -2.20
CA ASN A 16 19.48 -16.44 -1.72
CA ASN A 16 19.43 -16.31 -1.89
C ASN A 16 20.80 -16.74 -2.45
N TRP A 17 21.08 -18.03 -2.62
CA TRP A 17 22.20 -18.47 -3.44
C TRP A 17 22.20 -17.81 -4.83
N GLN A 18 21.02 -17.45 -5.36
CA GLN A 18 20.97 -16.93 -6.70
C GLN A 18 21.71 -15.60 -6.84
N LEU A 19 21.91 -14.89 -5.72
CA LEU A 19 22.60 -13.62 -5.80
C LEU A 19 24.07 -13.77 -6.23
N GLN A 20 24.59 -14.99 -6.16
CA GLN A 20 25.97 -15.26 -6.53
C GLN A 20 26.05 -16.02 -7.86
N GLY A 21 24.92 -16.25 -8.55
CA GLY A 21 25.03 -17.08 -9.75
C GLY A 21 25.89 -16.44 -10.84
N LEU A 22 26.76 -17.25 -11.46
CA LEU A 22 27.67 -16.68 -12.45
C LEU A 22 26.92 -16.25 -13.71
N CYS A 23 25.77 -16.90 -13.98
CA CYS A 23 24.98 -16.59 -15.16
C CYS A 23 24.10 -15.35 -14.98
N ARG A 24 24.01 -14.74 -13.81
N ARG A 24 24.02 -14.74 -13.80
CA ARG A 24 23.06 -13.61 -13.56
CA ARG A 24 23.05 -13.62 -13.56
C ARG A 24 23.05 -12.52 -14.64
C ARG A 24 23.05 -12.51 -14.63
N GLY A 25 24.22 -12.12 -15.07
CA GLY A 25 24.47 -11.09 -16.09
C GLY A 25 24.57 -11.62 -17.52
N MET A 26 24.42 -12.92 -17.74
CA MET A 26 24.42 -13.53 -19.09
C MET A 26 22.97 -13.62 -19.60
N ASP A 27 22.81 -13.95 -20.88
CA ASP A 27 21.50 -14.13 -21.55
C ASP A 27 20.96 -15.52 -21.21
N SER A 28 19.69 -15.64 -20.99
CA SER A 28 19.10 -16.93 -20.58
C SER A 28 19.04 -17.93 -21.74
N SER A 29 19.06 -17.44 -22.96
CA SER A 29 19.09 -18.34 -24.10
C SER A 29 20.29 -19.27 -24.00
N MET A 30 21.27 -18.93 -23.17
CA MET A 30 22.40 -19.80 -22.94
C MET A 30 21.92 -21.06 -22.22
N PHE A 31 20.86 -20.97 -21.41
CA PHE A 31 20.48 -22.05 -20.49
C PHE A 31 19.20 -22.75 -20.92
N PHE A 32 18.50 -22.23 -21.93
CA PHE A 32 17.25 -22.81 -22.39
C PHE A 32 17.34 -23.02 -23.90
N HIS A 33 16.88 -24.18 -24.38
CA HIS A 33 16.91 -24.46 -25.82
C HIS A 33 15.69 -23.84 -26.50
N PRO A 34 15.85 -23.23 -27.70
CA PRO A 34 14.69 -22.83 -28.50
C PRO A 34 13.84 -24.07 -28.79
N ASP A 35 12.53 -23.84 -28.91
CA ASP A 35 11.61 -24.89 -29.31
C ASP A 35 12.15 -25.52 -30.60
N GLY A 36 12.19 -26.86 -30.63
CA GLY A 36 12.53 -27.60 -31.84
C GLY A 36 14.03 -27.79 -32.06
N GLU A 37 14.89 -27.21 -31.20
CA GLU A 37 16.33 -27.36 -31.41
C GLU A 37 16.74 -28.81 -31.10
N ARG A 38 17.43 -29.44 -32.06
CA ARG A 38 17.85 -30.82 -31.89
C ARG A 38 19.28 -30.96 -32.39
N GLY A 39 19.81 -32.17 -32.18
CA GLY A 39 21.11 -32.51 -32.73
C GLY A 39 22.25 -31.66 -32.16
N ARG A 40 23.18 -31.31 -33.04
CA ARG A 40 24.46 -30.77 -32.62
C ARG A 40 24.25 -29.40 -32.00
N ALA A 41 23.31 -28.60 -32.54
CA ALA A 41 23.03 -27.28 -32.00
C ALA A 41 22.63 -27.38 -30.53
N ARG A 42 21.80 -28.39 -30.21
CA ARG A 42 21.33 -28.59 -28.84
C ARG A 42 22.50 -28.94 -27.93
N THR A 43 23.33 -29.88 -28.37
CA THR A 43 24.45 -30.33 -27.56
C THR A 43 25.43 -29.18 -27.33
N GLN A 44 25.68 -28.49 -28.41
CA GLN A 44 26.54 -27.28 -28.37
CA GLN A 44 26.56 -27.30 -28.33
C GLN A 44 26.17 -26.19 -27.31
N ARG A 45 24.84 -25.96 -27.30
CA ARG A 45 24.30 -24.98 -26.37
C ARG A 45 24.44 -25.50 -24.94
N GLU A 46 24.11 -26.78 -24.73
CA GLU A 46 24.19 -27.35 -23.40
C GLU A 46 25.63 -27.32 -22.88
N GLN A 47 26.60 -27.65 -23.76
CA GLN A 47 28.00 -27.64 -23.35
C GLN A 47 28.45 -26.24 -22.93
N ARG A 48 28.01 -25.19 -23.65
CA ARG A 48 28.39 -23.83 -23.31
CA ARG A 48 28.39 -23.83 -23.31
C ARG A 48 27.79 -23.46 -21.95
N ALA A 49 26.55 -23.87 -21.70
CA ALA A 49 25.92 -23.57 -20.41
C ALA A 49 26.71 -24.24 -19.27
N LYS A 50 26.98 -25.55 -19.43
CA LYS A 50 27.66 -26.29 -18.39
C LYS A 50 29.05 -25.73 -18.11
N GLU A 51 29.72 -25.19 -19.13
CA GLU A 51 31.06 -24.59 -18.96
CA GLU A 51 31.05 -24.62 -18.93
C GLU A 51 30.97 -23.45 -17.97
N MET A 52 29.86 -22.71 -18.01
CA MET A 52 29.65 -21.62 -17.06
C MET A 52 29.31 -22.16 -15.68
N CYS A 53 28.36 -23.10 -15.58
CA CYS A 53 28.04 -23.66 -14.26
C CYS A 53 29.27 -24.18 -13.54
N ARG A 54 30.20 -24.77 -14.29
CA ARG A 54 31.37 -25.36 -13.67
C ARG A 54 32.45 -24.33 -13.32
N ARG A 55 32.12 -23.05 -13.51
CA ARG A 55 32.91 -21.95 -12.99
C ARG A 55 32.11 -21.18 -11.93
N CYS A 56 30.92 -21.69 -11.52
CA CYS A 56 30.01 -20.90 -10.72
C CYS A 56 30.13 -21.26 -9.23
N PRO A 57 30.12 -20.25 -8.33
CA PRO A 57 30.27 -20.53 -6.89
C PRO A 57 29.04 -21.16 -6.22
N VAL A 58 27.89 -21.21 -6.94
CA VAL A 58 26.67 -21.75 -6.33
C VAL A 58 26.15 -22.95 -7.11
N ILE A 59 27.02 -23.61 -7.87
CA ILE A 59 26.58 -24.77 -8.64
C ILE A 59 25.85 -25.79 -7.78
N GLU A 60 26.36 -26.07 -6.56
CA GLU A 60 25.75 -27.13 -5.76
C GLU A 60 24.37 -26.69 -5.25
N ALA A 61 24.20 -25.42 -4.89
CA ALA A 61 22.90 -24.92 -4.44
C ALA A 61 21.91 -24.91 -5.60
N CYS A 62 22.38 -24.55 -6.79
CA CYS A 62 21.54 -24.48 -7.99
C CYS A 62 21.08 -25.89 -8.36
N ARG A 63 22.03 -26.83 -8.37
CA ARG A 63 21.75 -28.25 -8.60
C ARG A 63 20.70 -28.75 -7.60
N SER A 64 20.92 -28.45 -6.31
CA SER A 64 20.03 -28.90 -5.25
CA SER A 64 20.02 -28.90 -5.26
C SER A 64 18.61 -28.37 -5.48
N HIS A 65 18.49 -27.07 -5.77
CA HIS A 65 17.18 -26.47 -6.07
C HIS A 65 16.50 -27.24 -7.21
N ALA A 66 17.21 -27.41 -8.32
CA ALA A 66 16.60 -27.97 -9.52
C ALA A 66 16.16 -29.41 -9.28
N LEU A 67 16.94 -30.17 -8.48
CA LEU A 67 16.59 -31.55 -8.18
C LEU A 67 15.42 -31.62 -7.19
N GLU A 68 15.41 -30.72 -6.19
CA GLU A 68 14.40 -30.72 -5.15
CA GLU A 68 14.40 -30.71 -5.14
C GLU A 68 13.02 -30.45 -5.74
N VAL A 69 12.95 -29.53 -6.70
CA VAL A 69 11.65 -29.17 -7.26
C VAL A 69 11.41 -29.81 -8.63
N GLY A 70 12.43 -30.48 -9.17
CA GLY A 70 12.31 -31.06 -10.49
C GLY A 70 12.03 -30.01 -11.57
N GLU A 71 12.88 -28.97 -11.65
CA GLU A 71 12.69 -27.93 -12.66
C GLU A 71 12.58 -28.57 -14.05
N PRO A 72 11.48 -28.33 -14.78
CA PRO A 72 11.24 -29.11 -16.01
C PRO A 72 12.01 -28.70 -17.27
N TYR A 73 12.57 -27.48 -17.26
CA TYR A 73 13.34 -27.00 -18.40
C TYR A 73 14.59 -26.29 -17.90
N GLY A 74 15.60 -26.25 -18.79
CA GLY A 74 16.81 -25.45 -18.58
C GLY A 74 17.96 -26.30 -18.04
N VAL A 75 19.17 -25.77 -18.25
CA VAL A 75 20.35 -26.26 -17.57
C VAL A 75 20.40 -25.53 -16.21
N TRP A 76 20.55 -26.31 -15.14
CA TRP A 76 20.71 -25.80 -13.77
C TRP A 76 21.80 -26.64 -13.13
N GLY A 77 22.70 -26.00 -12.36
CA GLY A 77 23.64 -26.76 -11.55
C GLY A 77 24.55 -27.66 -12.39
N GLY A 78 24.84 -27.25 -13.65
CA GLY A 78 25.69 -28.06 -14.50
C GLY A 78 25.02 -29.31 -15.08
N LEU A 79 23.68 -29.42 -14.92
CA LEU A 79 22.96 -30.60 -15.36
C LEU A 79 21.89 -30.20 -16.38
N SER A 80 21.77 -31.00 -17.45
CA SER A 80 20.66 -30.86 -18.38
C SER A 80 19.37 -31.40 -17.74
N GLU A 81 18.22 -31.07 -18.34
CA GLU A 81 16.97 -31.65 -17.86
C GLU A 81 17.02 -33.18 -17.92
N SER A 82 17.55 -33.74 -19.02
CA SER A 82 17.54 -35.20 -19.12
C SER A 82 18.45 -35.85 -18.06
N GLU A 83 19.55 -35.17 -17.71
CA GLU A 83 20.45 -35.67 -16.68
C GLU A 83 19.75 -35.63 -15.32
N ARG A 84 19.00 -34.55 -15.06
CA ARG A 84 18.26 -34.47 -13.81
C ARG A 84 17.18 -35.55 -13.75
N ASP A 85 16.49 -35.80 -14.87
CA ASP A 85 15.44 -36.82 -14.88
C ASP A 85 16.02 -38.19 -14.47
N LEU A 86 17.20 -38.52 -14.98
CA LEU A 86 17.84 -39.79 -14.68
C LEU A 86 18.15 -39.88 -13.18
N LEU A 87 18.64 -38.78 -12.59
CA LEU A 87 18.96 -38.76 -11.18
C LEU A 87 17.69 -38.90 -10.33
N LEU A 88 16.57 -38.34 -10.81
CA LEU A 88 15.34 -38.36 -10.02
C LEU A 88 14.57 -39.67 -10.19
N LYS A 89 14.83 -40.41 -11.28
CA LYS A 89 14.15 -41.67 -11.53
C LYS A 89 14.19 -42.56 -10.28
N ALA B 2 0.27 7.24 -12.23
CA ALA B 2 1.21 7.50 -13.37
C ALA B 2 2.39 6.52 -13.23
N HIS B 3 2.44 5.91 -12.06
CA HIS B 3 3.43 4.90 -11.71
C HIS B 3 2.98 4.26 -10.41
N HIS B 4 1.81 4.70 -9.85
CA HIS B 4 1.54 4.25 -8.49
C HIS B 4 0.89 2.88 -8.40
N HIS B 5 0.24 2.38 -9.46
CA HIS B 5 -0.58 1.16 -9.38
C HIS B 5 0.20 0.03 -8.76
N HIS B 6 -0.32 -0.52 -7.65
CA HIS B 6 0.36 -1.62 -6.99
C HIS B 6 -0.68 -2.47 -6.26
N HIS B 7 -0.26 -3.69 -5.91
CA HIS B 7 -1.12 -4.60 -5.15
C HIS B 7 -0.38 -5.15 -3.96
N HIS B 8 -1.08 -5.22 -2.84
CA HIS B 8 -0.62 -5.88 -1.63
C HIS B 8 -1.06 -7.33 -1.67
N VAL B 9 -0.12 -8.27 -1.56
CA VAL B 9 -0.47 -9.68 -1.65
CA VAL B 9 -0.50 -9.67 -1.62
C VAL B 9 0.28 -10.40 -0.53
N ALA B 10 -0.42 -11.30 0.15
CA ALA B 10 0.23 -12.17 1.11
C ALA B 10 0.27 -13.59 0.55
N VAL B 11 1.41 -14.24 0.69
CA VAL B 11 1.55 -15.67 0.40
C VAL B 11 2.18 -16.28 1.63
N ASP B 12 1.46 -17.17 2.29
CA ASP B 12 1.89 -17.69 3.59
C ASP B 12 2.04 -16.51 4.57
N ALA B 13 3.03 -16.51 5.45
CA ALA B 13 3.25 -15.43 6.41
C ALA B 13 3.94 -14.23 5.75
N VAL B 14 4.04 -14.20 4.41
CA VAL B 14 4.92 -13.26 3.76
C VAL B 14 4.11 -12.24 2.96
N SER B 15 4.44 -10.96 3.10
CA SER B 15 3.71 -9.91 2.39
CA SER B 15 3.71 -9.90 2.41
C SER B 15 4.57 -9.32 1.29
N PHE B 16 3.94 -8.99 0.17
CA PHE B 16 4.60 -8.33 -0.94
C PHE B 16 3.82 -7.10 -1.37
N THR B 17 4.54 -6.10 -1.90
CA THR B 17 3.93 -4.96 -2.54
C THR B 17 4.43 -4.97 -3.97
N LEU B 18 3.50 -5.12 -4.93
CA LEU B 18 3.87 -5.48 -6.28
C LEU B 18 3.46 -4.39 -7.25
N LEU B 19 4.44 -3.69 -7.85
CA LEU B 19 4.16 -2.55 -8.70
CA LEU B 19 4.16 -2.55 -8.70
C LEU B 19 3.87 -2.99 -10.14
N GLN B 20 2.79 -2.46 -10.71
CA GLN B 20 2.44 -2.77 -12.10
C GLN B 20 3.61 -2.46 -13.06
N ASP B 21 4.34 -1.36 -12.86
CA ASP B 21 5.41 -1.00 -13.77
CA ASP B 21 5.39 -1.02 -13.82
C ASP B 21 6.52 -2.06 -13.77
N GLN B 22 6.82 -2.59 -12.59
CA GLN B 22 7.87 -3.59 -12.48
C GLN B 22 7.38 -4.95 -13.01
N LEU B 23 6.06 -5.25 -12.87
CA LEU B 23 5.53 -6.47 -13.49
C LEU B 23 5.73 -6.35 -15.00
N GLN B 24 5.42 -5.19 -15.52
CA GLN B 24 5.67 -4.95 -16.97
CA GLN B 24 5.67 -4.94 -16.96
C GLN B 24 7.13 -5.24 -17.47
N SER B 25 8.08 -4.86 -16.58
CA SER B 25 9.50 -5.13 -16.83
CA SER B 25 9.49 -5.12 -16.82
C SER B 25 9.78 -6.62 -16.80
N VAL B 26 9.17 -7.36 -15.86
CA VAL B 26 9.34 -8.82 -15.85
C VAL B 26 8.83 -9.39 -17.18
N LEU B 27 7.62 -8.97 -17.61
CA LEU B 27 7.05 -9.51 -18.85
CA LEU B 27 7.06 -9.52 -18.83
C LEU B 27 7.89 -9.13 -20.06
N ASP B 28 8.53 -7.95 -20.02
CA ASP B 28 9.31 -7.47 -21.15
C ASP B 28 10.55 -8.34 -21.39
N THR B 29 10.97 -9.09 -20.38
CA THR B 29 12.13 -9.96 -20.51
C THR B 29 11.79 -11.26 -21.22
N LEU B 30 10.49 -11.57 -21.37
CA LEU B 30 10.06 -12.81 -22.04
C LEU B 30 9.84 -12.55 -23.53
N SER B 31 9.69 -13.63 -24.31
CA SER B 31 9.29 -13.47 -25.71
C SER B 31 7.87 -12.94 -25.78
N GLU B 32 7.46 -12.45 -26.96
CA GLU B 32 6.10 -11.96 -27.10
CA GLU B 32 6.10 -11.98 -27.17
C GLU B 32 5.08 -13.07 -26.80
N ARG B 33 5.33 -14.30 -27.29
CA ARG B 33 4.37 -15.37 -27.05
C ARG B 33 4.37 -15.78 -25.57
N GLU B 34 5.55 -15.88 -24.95
CA GLU B 34 5.60 -16.27 -23.55
C GLU B 34 4.85 -15.24 -22.70
N ALA B 35 5.10 -13.94 -22.93
CA ALA B 35 4.43 -12.90 -22.15
C ALA B 35 2.93 -12.94 -22.39
N GLY B 36 2.52 -13.19 -23.65
CA GLY B 36 1.09 -13.24 -23.96
C GLY B 36 0.40 -14.42 -23.27
N VAL B 37 1.07 -15.59 -23.27
CA VAL B 37 0.52 -16.75 -22.57
C VAL B 37 0.38 -16.44 -21.07
N VAL B 38 1.40 -15.83 -20.46
CA VAL B 38 1.33 -15.46 -19.03
C VAL B 38 0.18 -14.50 -18.78
N ARG B 39 0.06 -13.45 -19.61
CA ARG B 39 -1.02 -12.49 -19.41
CA ARG B 39 -1.02 -12.49 -19.41
C ARG B 39 -2.38 -13.18 -19.47
N LEU B 40 -2.59 -14.04 -20.48
CA LEU B 40 -3.90 -14.70 -20.59
C LEU B 40 -4.13 -15.69 -19.45
N ARG B 41 -3.10 -16.49 -19.14
CA ARG B 41 -3.30 -17.55 -18.14
C ARG B 41 -3.71 -16.97 -16.79
N PHE B 42 -3.11 -15.83 -16.40
CA PHE B 42 -3.32 -15.29 -15.06
C PHE B 42 -4.33 -14.16 -15.06
N GLY B 43 -4.80 -13.77 -16.24
CA GLY B 43 -5.79 -12.70 -16.33
C GLY B 43 -5.18 -11.33 -16.05
N LEU B 44 -3.94 -11.10 -16.50
CA LEU B 44 -3.25 -9.87 -16.14
C LEU B 44 -3.86 -8.64 -16.81
N THR B 45 -4.50 -8.82 -17.98
CA THR B 45 -5.02 -7.67 -18.74
C THR B 45 -6.50 -7.42 -18.50
N ASP B 46 -7.34 -8.46 -18.70
CA ASP B 46 -8.79 -8.28 -18.67
C ASP B 46 -9.39 -8.87 -17.39
N GLY B 47 -8.54 -9.43 -16.53
CA GLY B 47 -8.92 -9.96 -15.23
C GLY B 47 -9.47 -11.39 -15.28
N GLN B 48 -9.63 -11.96 -16.48
CA GLN B 48 -10.24 -13.29 -16.61
C GLN B 48 -9.14 -14.28 -16.94
N PRO B 49 -8.73 -15.13 -15.98
CA PRO B 49 -7.70 -16.14 -16.29
C PRO B 49 -8.29 -17.13 -17.29
N ARG B 50 -7.49 -17.50 -18.29
CA ARG B 50 -8.00 -18.31 -19.40
C ARG B 50 -7.57 -19.75 -19.27
N THR B 51 -8.41 -20.65 -19.81
CA THR B 51 -8.06 -22.06 -19.82
C THR B 51 -7.00 -22.34 -20.88
N LEU B 52 -6.36 -23.50 -20.77
CA LEU B 52 -5.36 -23.87 -21.76
C LEU B 52 -5.95 -23.94 -23.15
N ASP B 53 -7.18 -24.43 -23.25
CA ASP B 53 -7.86 -24.51 -24.55
C ASP B 53 -8.11 -23.11 -25.10
N GLU B 54 -8.52 -22.15 -24.26
CA GLU B 54 -8.77 -20.80 -24.74
C GLU B 54 -7.48 -20.20 -25.27
N ILE B 55 -6.37 -20.41 -24.56
CA ILE B 55 -5.09 -19.83 -24.96
C ILE B 55 -4.61 -20.51 -26.24
N GLY B 56 -4.78 -21.85 -26.33
CA GLY B 56 -4.44 -22.56 -27.54
C GLY B 56 -5.16 -21.96 -28.76
N GLN B 57 -6.43 -21.62 -28.58
CA GLN B 57 -7.20 -21.05 -29.68
C GLN B 57 -6.63 -19.71 -30.11
N VAL B 58 -6.19 -18.87 -29.16
CA VAL B 58 -5.61 -17.57 -29.48
C VAL B 58 -4.36 -17.77 -30.34
N TYR B 59 -3.51 -18.73 -29.97
CA TYR B 59 -2.21 -18.87 -30.63
C TYR B 59 -2.18 -19.91 -31.74
N GLY B 60 -3.28 -20.64 -31.96
CA GLY B 60 -3.35 -21.67 -32.98
C GLY B 60 -2.46 -22.88 -32.67
N VAL B 61 -2.39 -23.27 -31.40
CA VAL B 61 -1.66 -24.47 -30.98
C VAL B 61 -2.51 -25.31 -30.04
N THR B 62 -2.03 -26.53 -29.72
CA THR B 62 -2.77 -27.42 -28.84
C THR B 62 -2.70 -26.97 -27.38
N ARG B 63 -3.62 -27.52 -26.57
CA ARG B 63 -3.60 -27.35 -25.13
C ARG B 63 -2.26 -27.83 -24.57
N GLU B 64 -1.75 -28.95 -25.06
CA GLU B 64 -0.47 -29.48 -24.58
C GLU B 64 0.67 -28.50 -24.87
N ARG B 65 0.65 -27.88 -26.06
CA ARG B 65 1.68 -26.91 -26.37
C ARG B 65 1.62 -25.74 -25.37
N ILE B 66 0.42 -25.24 -25.07
CA ILE B 66 0.34 -24.15 -24.10
C ILE B 66 0.86 -24.61 -22.72
N ARG B 67 0.54 -25.84 -22.31
CA ARG B 67 1.05 -26.34 -21.04
CA ARG B 67 1.05 -26.35 -21.04
C ARG B 67 2.58 -26.29 -21.03
N GLN B 68 3.21 -26.72 -22.14
CA GLN B 68 4.67 -26.72 -22.25
C GLN B 68 5.22 -25.28 -22.21
N ILE B 69 4.58 -24.35 -22.93
CA ILE B 69 5.03 -22.96 -22.90
C ILE B 69 4.94 -22.42 -21.48
N GLU B 70 3.82 -22.65 -20.79
CA GLU B 70 3.68 -22.13 -19.44
C GLU B 70 4.78 -22.72 -18.55
N SER B 71 5.01 -24.02 -18.66
CA SER B 71 5.98 -24.71 -17.81
CA SER B 71 5.98 -24.71 -17.81
C SER B 71 7.38 -24.16 -18.03
N LYS B 72 7.76 -24.02 -19.30
CA LYS B 72 9.08 -23.50 -19.61
C LYS B 72 9.22 -22.06 -19.13
N THR B 73 8.16 -21.26 -19.28
CA THR B 73 8.22 -19.88 -18.89
C THR B 73 8.42 -19.76 -17.38
N MET B 74 7.76 -20.61 -16.58
CA MET B 74 7.93 -20.53 -15.13
C MET B 74 9.37 -20.93 -14.76
N SER B 75 9.96 -21.94 -15.45
CA SER B 75 11.37 -22.27 -15.20
C SER B 75 12.27 -21.08 -15.53
N LYS B 76 11.99 -20.42 -16.66
CA LYS B 76 12.78 -19.25 -17.01
C LYS B 76 12.66 -18.15 -15.95
N LEU B 77 11.43 -17.91 -15.46
CA LEU B 77 11.27 -16.82 -14.49
C LEU B 77 12.09 -17.07 -13.22
N ARG B 78 12.26 -18.35 -12.83
CA ARG B 78 12.95 -18.72 -11.59
C ARG B 78 14.44 -18.94 -11.83
N HIS B 79 14.89 -18.99 -13.08
CA HIS B 79 16.29 -19.32 -13.34
C HIS B 79 17.21 -18.17 -12.92
N PRO B 80 18.37 -18.47 -12.30
CA PRO B 80 19.22 -17.37 -11.83
C PRO B 80 19.69 -16.37 -12.88
N SER B 81 19.68 -16.79 -14.16
CA SER B 81 20.19 -15.91 -15.20
C SER B 81 19.26 -14.74 -15.43
N ARG B 82 18.02 -14.82 -14.98
CA ARG B 82 17.14 -13.73 -15.40
C ARG B 82 16.23 -13.36 -14.24
N SER B 83 16.56 -13.89 -13.08
CA SER B 83 15.68 -13.78 -11.95
CA SER B 83 15.61 -13.76 -11.99
C SER B 83 15.78 -12.41 -11.26
N GLN B 84 16.90 -11.72 -11.50
CA GLN B 84 17.11 -10.35 -10.91
CA GLN B 84 17.08 -10.37 -10.88
C GLN B 84 15.88 -9.37 -11.04
N VAL B 85 15.32 -9.41 -12.25
CA VAL B 85 14.12 -8.62 -12.55
C VAL B 85 12.96 -9.04 -11.64
N LEU B 86 12.88 -10.35 -11.34
CA LEU B 86 11.84 -10.89 -10.49
C LEU B 86 12.09 -10.52 -9.02
N ARG B 87 13.33 -10.60 -8.53
CA ARG B 87 13.63 -10.15 -7.18
CA ARG B 87 13.68 -10.14 -7.19
C ARG B 87 13.24 -8.68 -7.01
N ASP B 88 13.53 -7.83 -8.00
CA ASP B 88 13.20 -6.42 -7.88
C ASP B 88 11.67 -6.24 -7.82
N TYR B 89 10.91 -7.04 -8.59
CA TYR B 89 9.46 -7.03 -8.52
C TYR B 89 8.97 -7.41 -7.12
N LEU B 90 9.50 -8.50 -6.58
CA LEU B 90 9.02 -8.97 -5.29
C LEU B 90 9.39 -8.00 -4.15
N ASP B 91 10.43 -7.19 -4.33
CA ASP B 91 10.84 -6.22 -3.32
C ASP B 91 10.19 -4.84 -3.53
N GLY B 92 9.00 -4.78 -4.14
CA GLY B 92 8.37 -3.49 -4.39
C GLY B 92 8.10 -2.66 -3.13
N SER B 93 7.93 -3.29 -1.96
CA SER B 93 7.67 -2.54 -0.72
CA SER B 93 7.66 -2.52 -0.73
C SER B 93 8.81 -1.56 -0.39
N SER B 94 10.00 -1.76 -0.96
CA SER B 94 11.14 -0.93 -0.60
CA SER B 94 11.13 -0.92 -0.59
C SER B 94 10.99 0.50 -1.10
N GLY B 95 10.26 0.69 -2.22
CA GLY B 95 10.19 2.01 -2.82
C GLY B 95 11.52 2.48 -3.39
N SER B 96 12.38 1.50 -3.61
CA SER B 96 13.67 1.78 -4.29
CA SER B 96 13.68 1.80 -4.28
C SER B 96 13.49 2.40 -5.72
N GLY B 97 14.10 3.57 -5.89
CA GLY B 97 14.01 4.24 -7.18
C GLY B 97 12.89 5.28 -7.27
N THR B 98 12.10 5.46 -6.20
CA THR B 98 11.06 6.47 -6.28
C THR B 98 11.62 7.88 -6.04
N PRO B 99 10.92 8.93 -6.52
CA PRO B 99 11.23 10.30 -6.12
C PRO B 99 11.18 10.48 -4.60
N GLU B 100 10.19 9.84 -4.00
CA GLU B 100 10.03 9.91 -2.55
C GLU B 100 11.26 9.39 -1.81
N GLU B 101 11.86 8.29 -2.28
CA GLU B 101 13.07 7.80 -1.64
C GLU B 101 14.20 8.84 -1.73
N ARG B 102 14.35 9.53 -2.88
CA ARG B 102 15.38 10.55 -2.98
C ARG B 102 15.09 11.67 -1.99
N LEU B 103 13.83 12.09 -1.86
CA LEU B 103 13.50 13.17 -0.95
C LEU B 103 13.80 12.76 0.50
N LEU B 104 13.40 11.55 0.88
CA LEU B 104 13.64 11.12 2.26
C LEU B 104 15.14 10.98 2.52
N ARG B 105 15.95 10.53 1.53
CA ARG B 105 17.42 10.48 1.71
C ARG B 105 17.94 11.88 2.05
N ALA B 106 17.41 12.90 1.37
CA ALA B 106 17.91 14.26 1.56
C ALA B 106 17.48 14.82 2.91
N ILE B 107 16.24 14.56 3.31
CA ILE B 107 15.78 15.05 4.60
C ILE B 107 16.52 14.36 5.74
N PHE B 108 16.64 13.04 5.68
CA PHE B 108 17.15 12.27 6.82
C PHE B 108 18.67 12.11 6.79
N GLY B 109 19.32 12.49 5.70
CA GLY B 109 20.77 12.60 5.69
C GLY B 109 21.41 11.27 5.40
N TRP C 15 11.58 13.15 15.48
CA TRP C 15 12.35 13.93 16.50
C TRP C 15 11.36 14.29 17.61
N ASN C 16 11.13 13.28 18.43
CA ASN C 16 10.14 13.36 19.54
CA ASN C 16 10.18 13.32 19.59
C ASN C 16 10.04 14.60 20.48
N TRP C 17 11.24 15.11 20.83
CA TRP C 17 11.29 16.41 21.49
C TRP C 17 10.53 17.49 20.70
N GLN C 18 10.49 17.37 19.37
CA GLN C 18 9.88 18.43 18.59
C GLN C 18 8.39 18.61 18.87
N LEU C 19 7.74 17.58 19.41
CA LEU C 19 6.32 17.69 19.72
C LEU C 19 6.05 18.72 20.80
N GLN C 20 7.09 19.08 21.58
CA GLN C 20 6.93 20.05 22.65
C GLN C 20 7.53 21.41 22.28
N GLY C 21 7.98 21.60 21.03
CA GLY C 21 8.63 22.87 20.74
C GLY C 21 7.68 24.05 20.85
N LEU C 22 8.14 25.14 21.47
CA LEU C 22 7.25 26.28 21.67
C LEU C 22 6.89 26.96 20.36
N CYS C 23 7.80 26.86 19.36
CA CYS C 23 7.60 27.47 18.06
C CYS C 23 6.70 26.65 17.13
N ARG C 24 6.25 25.46 17.55
CA ARG C 24 5.53 24.54 16.63
C ARG C 24 4.37 25.20 15.88
N GLY C 25 3.57 25.98 16.55
CA GLY C 25 2.45 26.66 15.93
C GLY C 25 2.75 28.07 15.45
N MET C 26 4.01 28.54 15.52
CA MET C 26 4.36 29.89 15.11
C MET C 26 4.80 29.90 13.65
N ASP C 27 4.96 31.10 13.06
CA ASP C 27 5.43 31.25 11.69
C ASP C 27 6.93 30.93 11.63
N SER C 28 7.33 30.12 10.65
CA SER C 28 8.73 29.70 10.60
C SER C 28 9.64 30.87 10.18
N SER C 29 9.07 31.89 9.53
CA SER C 29 9.87 33.04 9.16
C SER C 29 10.49 33.69 10.41
N MET C 30 9.97 33.35 11.59
CA MET C 30 10.54 33.82 12.84
C MET C 30 11.96 33.25 13.00
N PHE C 31 12.23 32.05 12.44
CA PHE C 31 13.45 31.30 12.76
C PHE C 31 14.44 31.26 11.59
N PHE C 32 14.00 31.73 10.42
CA PHE C 32 14.88 31.72 9.25
C PHE C 32 14.89 33.11 8.64
N HIS C 33 16.07 33.56 8.24
CA HIS C 33 16.21 34.89 7.65
C HIS C 33 15.91 34.84 6.15
N PRO C 34 15.16 35.83 5.60
CA PRO C 34 15.02 35.97 4.15
C PRO C 34 16.40 36.10 3.52
N ASP C 35 16.49 35.61 2.28
CA ASP C 35 17.67 35.84 1.48
C ASP C 35 18.01 37.33 1.50
N GLY C 36 19.28 37.66 1.81
CA GLY C 36 19.72 39.05 1.72
C GLY C 36 19.49 39.86 2.99
N GLU C 37 18.86 39.29 4.02
CA GLU C 37 18.65 40.06 5.23
C GLU C 37 19.97 40.15 6.02
N ARG C 38 20.44 41.37 6.29
CA ARG C 38 21.73 41.56 6.93
C ARG C 38 21.62 42.64 8.00
N GLY C 39 22.63 42.68 8.87
CA GLY C 39 22.75 43.82 9.79
C GLY C 39 21.61 43.87 10.80
N ARG C 40 21.09 45.07 11.08
CA ARG C 40 20.16 45.27 12.19
C ARG C 40 18.88 44.43 12.01
N ALA C 41 18.34 44.35 10.79
CA ALA C 41 17.13 43.57 10.58
C ALA C 41 17.35 42.09 10.90
N ARG C 42 18.53 41.57 10.54
CA ARG C 42 18.85 40.17 10.86
C ARG C 42 18.98 39.96 12.36
N THR C 43 19.66 40.87 13.05
CA THR C 43 19.81 40.76 14.50
C THR C 43 18.45 40.84 15.18
N GLN C 44 17.57 41.74 14.73
CA GLN C 44 16.24 41.89 15.32
CA GLN C 44 16.26 41.87 15.34
C GLN C 44 15.46 40.58 15.22
N ARG C 45 15.50 39.95 14.03
CA ARG C 45 14.78 38.71 13.85
C ARG C 45 15.34 37.61 14.75
N GLU C 46 16.67 37.52 14.80
CA GLU C 46 17.34 36.51 15.62
C GLU C 46 16.97 36.69 17.10
N GLN C 47 16.95 37.93 17.57
CA GLN C 47 16.61 38.19 18.96
C GLN C 47 15.19 37.76 19.29
N ARG C 48 14.24 37.99 18.37
CA ARG C 48 12.87 37.59 18.60
CA ARG C 48 12.86 37.59 18.60
C ARG C 48 12.76 36.07 18.65
N ALA C 49 13.50 35.37 17.79
CA ALA C 49 13.48 33.91 17.80
C ALA C 49 14.04 33.41 19.13
N LYS C 50 15.22 33.92 19.52
CA LYS C 50 15.85 33.46 20.76
C LYS C 50 14.96 33.73 21.98
N GLU C 51 14.15 34.79 21.96
CA GLU C 51 13.25 35.08 23.08
C GLU C 51 12.26 33.93 23.26
N MET C 52 11.85 33.33 22.15
CA MET C 52 10.97 32.16 22.20
C MET C 52 11.73 30.92 22.67
N CYS C 53 12.91 30.64 22.08
CA CYS C 53 13.66 29.47 22.50
C CYS C 53 13.91 29.49 24.01
N ARG C 54 14.17 30.66 24.58
CA ARG C 54 14.50 30.77 25.99
C ARG C 54 13.27 30.69 26.89
N ARG C 55 12.11 30.40 26.29
CA ARG C 55 10.90 30.06 27.04
C ARG C 55 10.48 28.64 26.69
N CYS C 56 11.31 27.89 25.94
CA CYS C 56 10.87 26.62 25.36
C CYS C 56 11.31 25.43 26.20
N PRO C 57 10.44 24.42 26.43
CA PRO C 57 10.82 23.26 27.27
C PRO C 57 11.83 22.31 26.65
N VAL C 58 12.09 22.44 25.33
CA VAL C 58 13.02 21.52 24.67
C VAL C 58 14.22 22.24 24.07
N ILE C 59 14.56 23.40 24.62
CA ILE C 59 15.69 24.15 24.09
C ILE C 59 16.97 23.29 24.06
N GLU C 60 17.24 22.52 25.12
CA GLU C 60 18.48 21.75 25.14
C GLU C 60 18.49 20.62 24.12
N ALA C 61 17.33 19.95 23.91
CA ALA C 61 17.25 18.89 22.90
C ALA C 61 17.39 19.48 21.51
N CYS C 62 16.79 20.65 21.27
CA CYS C 62 16.81 21.33 19.98
C CYS C 62 18.26 21.75 19.68
N ARG C 63 18.91 22.37 20.67
CA ARG C 63 20.31 22.77 20.56
C ARG C 63 21.17 21.54 20.26
N SER C 64 20.96 20.44 21.00
CA SER C 64 21.74 19.22 20.81
CA SER C 64 21.74 19.22 20.81
C SER C 64 21.60 18.69 19.38
N HIS C 65 20.35 18.61 18.90
CA HIS C 65 20.10 18.18 17.52
C HIS C 65 20.90 19.05 16.55
N ALA C 66 20.74 20.37 16.67
CA ALA C 66 21.31 21.26 15.67
C ALA C 66 22.84 21.18 15.68
N LEU C 67 23.45 21.00 16.87
CA LEU C 67 24.90 20.85 16.96
C LEU C 67 25.38 19.49 16.44
N GLU C 68 24.62 18.42 16.75
CA GLU C 68 25.00 17.06 16.40
CA GLU C 68 25.01 17.08 16.40
C GLU C 68 25.04 16.92 14.88
N VAL C 69 24.06 17.53 14.19
CA VAL C 69 24.01 17.35 12.74
C VAL C 69 24.54 18.59 12.01
N GLY C 70 24.86 19.66 12.74
CA GLY C 70 25.33 20.89 12.13
C GLY C 70 24.28 21.49 11.18
N GLU C 71 23.08 21.74 11.70
CA GLU C 71 22.01 22.30 10.88
C GLU C 71 22.51 23.61 10.24
N PRO C 72 22.52 23.72 8.91
CA PRO C 72 23.22 24.85 8.27
C PRO C 72 22.49 26.19 8.24
N TYR C 73 21.16 26.19 8.51
CA TYR C 73 20.38 27.41 8.52
C TYR C 73 19.42 27.40 9.70
N GLY C 74 19.03 28.61 10.13
CA GLY C 74 17.98 28.79 11.13
C GLY C 74 18.54 29.03 12.54
N VAL C 75 17.67 29.60 13.37
CA VAL C 75 17.88 29.60 14.81
C VAL C 75 17.31 28.29 15.34
N TRP C 76 18.13 27.57 16.13
CA TRP C 76 17.75 26.34 16.81
C TRP C 76 18.30 26.43 18.23
N GLY C 77 17.53 26.01 19.22
CA GLY C 77 18.09 25.86 20.57
C GLY C 77 18.62 27.17 21.14
N GLY C 78 18.05 28.31 20.72
CA GLY C 78 18.50 29.61 21.19
C GLY C 78 19.81 30.09 20.58
N LEU C 79 20.31 29.39 19.55
CA LEU C 79 21.59 29.74 18.94
C LEU C 79 21.38 30.08 17.47
N SER C 80 22.09 31.10 16.99
CA SER C 80 22.15 31.39 15.57
CA SER C 80 22.14 31.38 15.56
C SER C 80 23.06 30.39 14.86
N GLU C 81 23.01 30.35 13.51
CA GLU C 81 23.93 29.47 12.80
CA GLU C 81 23.92 29.52 12.74
C GLU C 81 25.38 29.86 13.07
N SER C 82 25.69 31.16 13.13
CA SER C 82 27.10 31.55 13.34
C SER C 82 27.56 31.14 14.74
N GLU C 83 26.65 31.21 15.74
CA GLU C 83 27.01 30.82 17.09
C GLU C 83 27.28 29.31 17.10
N ARG C 84 26.43 28.52 16.39
CA ARG C 84 26.67 27.08 16.34
C ARG C 84 28.00 26.76 15.64
N ASP C 85 28.31 27.49 14.56
CA ASP C 85 29.54 27.24 13.83
C ASP C 85 30.76 27.42 14.74
N LEU C 86 30.72 28.46 15.59
CA LEU C 86 31.83 28.75 16.49
C LEU C 86 32.00 27.60 17.48
N LEU C 87 30.87 27.06 17.98
CA LEU C 87 30.92 25.95 18.91
C LEU C 87 31.46 24.69 18.25
N LEU C 88 31.14 24.50 16.96
CA LEU C 88 31.56 23.29 16.26
C LEU C 88 33.00 23.39 15.75
N LYS C 89 33.51 24.60 15.56
CA LYS C 89 34.90 24.78 15.17
C LYS C 89 35.70 25.26 16.38
N ALA D 2 -8.07 9.60 -6.98
CA ALA D 2 -8.76 10.92 -6.64
C ALA D 2 -8.07 11.53 -5.42
N HIS D 3 -7.39 10.63 -4.70
CA HIS D 3 -6.67 10.93 -3.48
C HIS D 3 -5.84 9.71 -3.15
N HIS D 4 -5.90 8.64 -4.01
CA HIS D 4 -5.28 7.40 -3.50
C HIS D 4 -3.79 7.32 -3.72
N HIS D 5 -3.21 8.07 -4.66
CA HIS D 5 -1.81 7.89 -5.06
C HIS D 5 -0.90 7.90 -3.84
N HIS D 6 -0.16 6.81 -3.65
CA HIS D 6 0.78 6.74 -2.55
C HIS D 6 1.93 5.82 -2.92
N HIS D 7 3.02 5.94 -2.12
CA HIS D 7 4.17 5.08 -2.32
C HIS D 7 4.59 4.47 -1.00
N HIS D 8 4.91 3.19 -1.04
CA HIS D 8 5.51 2.47 0.08
C HIS D 8 7.02 2.60 -0.04
N VAL D 9 7.66 3.10 1.02
CA VAL D 9 9.12 3.31 0.96
C VAL D 9 9.70 2.81 2.26
N ALA D 10 10.83 2.10 2.17
CA ALA D 10 11.53 1.70 3.38
C ALA D 10 12.84 2.49 3.47
N VAL D 11 13.17 2.99 4.66
CA VAL D 11 14.48 3.58 4.92
C VAL D 11 15.01 2.85 6.15
N ASP D 12 16.10 2.08 5.99
CA ASP D 12 16.57 1.21 7.06
C ASP D 12 15.47 0.19 7.39
N ALA D 13 15.30 -0.13 8.69
CA ALA D 13 14.28 -1.08 9.09
C ALA D 13 12.89 -0.43 9.14
N VAL D 14 12.72 0.79 8.60
CA VAL D 14 11.52 1.56 8.88
C VAL D 14 10.71 1.74 7.58
N SER D 15 9.40 1.49 7.65
CA SER D 15 8.56 1.59 6.46
C SER D 15 7.64 2.80 6.58
N PHE D 16 7.40 3.45 5.44
CA PHE D 16 6.50 4.59 5.37
C PHE D 16 5.51 4.42 4.22
N THR D 17 4.32 4.97 4.40
CA THR D 17 3.31 5.04 3.33
C THR D 17 3.09 6.51 3.07
N LEU D 18 3.43 6.99 1.86
CA LEU D 18 3.57 8.41 1.61
C LEU D 18 2.54 8.85 0.57
N LEU D 19 1.55 9.65 0.99
CA LEU D 19 0.46 10.05 0.11
CA LEU D 19 0.46 10.05 0.11
C LEU D 19 0.84 11.28 -0.70
N GLN D 20 0.58 11.23 -2.01
CA GLN D 20 0.86 12.36 -2.88
C GLN D 20 0.16 13.63 -2.40
N ASP D 21 -1.08 13.57 -1.93
CA ASP D 21 -1.76 14.79 -1.49
CA ASP D 21 -1.77 14.78 -1.48
C ASP D 21 -1.05 15.45 -0.30
N GLN D 22 -0.51 14.63 0.61
CA GLN D 22 0.19 15.21 1.75
C GLN D 22 1.58 15.70 1.33
N LEU D 23 2.23 15.07 0.35
CA LEU D 23 3.47 15.63 -0.21
C LEU D 23 3.20 17.03 -0.75
N GLN D 24 2.08 17.19 -1.48
CA GLN D 24 1.74 18.50 -2.04
C GLN D 24 1.58 19.53 -0.92
N SER D 25 1.01 19.13 0.23
CA SER D 25 0.86 20.02 1.38
CA SER D 25 0.85 20.01 1.37
C SER D 25 2.22 20.43 1.92
N VAL D 26 3.17 19.47 1.99
CA VAL D 26 4.52 19.84 2.43
C VAL D 26 5.09 20.90 1.47
N LEU D 27 4.97 20.67 0.16
CA LEU D 27 5.55 21.60 -0.81
C LEU D 27 4.86 22.97 -0.78
N ASP D 28 3.56 22.98 -0.44
CA ASP D 28 2.78 24.21 -0.39
C ASP D 28 3.25 25.12 0.74
N THR D 29 3.95 24.57 1.74
CA THR D 29 4.43 25.37 2.83
C THR D 29 5.73 26.12 2.49
N LEU D 30 6.35 25.79 1.35
CA LEU D 30 7.61 26.41 0.94
C LEU D 30 7.33 27.57 0.01
N SER D 31 8.35 28.41 -0.23
CA SER D 31 8.21 29.45 -1.23
C SER D 31 8.13 28.84 -2.62
N GLU D 32 7.74 29.67 -3.62
CA GLU D 32 7.65 29.16 -4.98
C GLU D 32 9.00 28.60 -5.45
N ARG D 33 10.09 29.35 -5.19
CA ARG D 33 11.40 28.90 -5.65
C ARG D 33 11.88 27.69 -4.86
N GLU D 34 11.67 27.67 -3.53
CA GLU D 34 12.10 26.51 -2.76
C GLU D 34 11.39 25.25 -3.25
N ALA D 35 10.06 25.33 -3.43
CA ALA D 35 9.32 24.15 -3.84
C ALA D 35 9.73 23.74 -5.26
N GLY D 36 10.03 24.73 -6.12
CA GLY D 36 10.45 24.42 -7.49
C GLY D 36 11.80 23.71 -7.53
N VAL D 37 12.75 24.20 -6.70
CA VAL D 37 14.05 23.53 -6.59
C VAL D 37 13.88 22.09 -6.10
N VAL D 38 13.04 21.87 -5.06
CA VAL D 38 12.83 20.52 -4.54
C VAL D 38 12.22 19.63 -5.64
N ARG D 39 11.19 20.14 -6.33
CA ARG D 39 10.55 19.32 -7.36
C ARG D 39 11.58 18.92 -8.42
N LEU D 40 12.37 19.90 -8.89
CA LEU D 40 13.33 19.58 -9.96
C LEU D 40 14.43 18.64 -9.45
N ARG D 41 14.96 18.95 -8.25
CA ARG D 41 16.11 18.19 -7.79
C ARG D 41 15.77 16.71 -7.61
N PHE D 42 14.56 16.43 -7.08
CA PHE D 42 14.21 15.05 -6.76
C PHE D 42 13.38 14.39 -7.84
N GLY D 43 13.01 15.15 -8.89
CA GLY D 43 12.26 14.57 -10.00
C GLY D 43 10.81 14.30 -9.61
N LEU D 44 10.22 15.22 -8.83
CA LEU D 44 8.91 14.94 -8.26
C LEU D 44 7.81 14.99 -9.32
N THR D 45 8.02 15.75 -10.40
CA THR D 45 6.97 15.95 -11.40
C THR D 45 7.15 15.05 -12.61
N ASP D 46 8.36 15.05 -13.22
CA ASP D 46 8.56 14.36 -14.49
C ASP D 46 9.40 13.09 -14.29
N GLY D 47 9.79 12.83 -13.03
CA GLY D 47 10.53 11.62 -12.67
C GLY D 47 12.05 11.73 -12.92
N GLN D 48 12.51 12.84 -13.51
CA GLN D 48 13.93 12.97 -13.89
C GLN D 48 14.58 13.97 -12.95
N PRO D 49 15.36 13.49 -11.96
CA PRO D 49 16.02 14.42 -11.03
C PRO D 49 17.03 15.23 -11.83
N ARG D 50 17.10 16.52 -11.53
CA ARG D 50 17.91 17.45 -12.33
C ARG D 50 19.22 17.79 -11.63
N THR D 51 20.24 18.07 -12.45
CA THR D 51 21.51 18.52 -11.91
C THR D 51 21.42 19.95 -11.38
N LEU D 52 22.40 20.32 -10.55
CA LEU D 52 22.43 21.68 -10.02
C LEU D 52 22.57 22.70 -11.15
N ASP D 53 23.35 22.35 -12.20
CA ASP D 53 23.50 23.23 -13.36
C ASP D 53 22.13 23.44 -14.03
N GLU D 54 21.36 22.35 -14.23
CA GLU D 54 20.08 22.44 -14.89
C GLU D 54 19.15 23.36 -14.07
N ILE D 55 19.16 23.18 -12.74
CA ILE D 55 18.26 23.96 -11.89
C ILE D 55 18.71 25.43 -11.88
N GLY D 56 20.03 25.65 -11.80
CA GLY D 56 20.56 27.00 -11.86
C GLY D 56 20.09 27.72 -13.12
N GLN D 57 20.09 27.01 -14.26
CA GLN D 57 19.66 27.61 -15.50
CA GLN D 57 19.66 27.60 -15.51
C GLN D 57 18.19 28.06 -15.42
N VAL D 58 17.34 27.23 -14.81
CA VAL D 58 15.91 27.56 -14.69
C VAL D 58 15.73 28.85 -13.87
N TYR D 59 16.50 29.00 -12.79
CA TYR D 59 16.28 30.10 -11.86
C TYR D 59 17.23 31.27 -12.08
N GLY D 60 18.15 31.17 -13.05
CA GLY D 60 19.09 32.23 -13.39
C GLY D 60 20.10 32.50 -12.28
N VAL D 61 20.54 31.43 -11.58
CA VAL D 61 21.50 31.54 -10.49
C VAL D 61 22.56 30.46 -10.64
N THR D 62 23.63 30.56 -9.83
CA THR D 62 24.74 29.61 -9.93
C THR D 62 24.37 28.27 -9.30
N ARG D 63 25.20 27.28 -9.56
CA ARG D 63 25.09 25.93 -8.98
C ARG D 63 25.18 26.08 -7.46
N GLU D 64 26.09 26.94 -7.01
CA GLU D 64 26.28 27.11 -5.58
C GLU D 64 25.03 27.71 -4.94
N ARG D 65 24.40 28.66 -5.63
CA ARG D 65 23.17 29.22 -5.10
C ARG D 65 22.10 28.13 -4.95
N ILE D 66 21.96 27.24 -5.96
CA ILE D 66 20.98 26.16 -5.83
C ILE D 66 21.34 25.26 -4.63
N ARG D 67 22.63 24.95 -4.44
CA ARG D 67 23.03 24.14 -3.31
CA ARG D 67 23.03 24.14 -3.30
C ARG D 67 22.56 24.79 -2.00
N GLN D 68 22.73 26.12 -1.89
CA GLN D 68 22.32 26.86 -0.69
C GLN D 68 20.80 26.81 -0.50
N ILE D 69 20.06 26.98 -1.60
CA ILE D 69 18.61 26.91 -1.51
C ILE D 69 18.16 25.52 -1.05
N GLU D 70 18.74 24.47 -1.62
CA GLU D 70 18.36 23.12 -1.22
C GLU D 70 18.70 22.91 0.26
N SER D 71 19.88 23.36 0.68
CA SER D 71 20.32 23.16 2.06
C SER D 71 19.40 23.87 3.05
N LYS D 72 19.06 25.12 2.75
CA LYS D 72 18.19 25.88 3.63
C LYS D 72 16.80 25.24 3.67
N THR D 73 16.31 24.75 2.51
CA THR D 73 14.98 24.16 2.46
C THR D 73 14.93 22.91 3.35
N MET D 74 16.00 22.10 3.33
CA MET D 74 15.99 20.90 4.15
C MET D 74 16.02 21.26 5.64
N SER D 75 16.76 22.30 6.02
CA SER D 75 16.74 22.77 7.40
C SER D 75 15.34 23.22 7.80
N LYS D 76 14.68 23.95 6.88
CA LYS D 76 13.31 24.38 7.18
C LYS D 76 12.40 23.19 7.38
N LEU D 77 12.50 22.18 6.49
CA LEU D 77 11.58 21.05 6.61
C LEU D 77 11.73 20.32 7.95
N ARG D 78 12.96 20.31 8.51
CA ARG D 78 13.24 19.60 9.76
C ARG D 78 13.02 20.47 10.99
N HIS D 79 12.83 21.78 10.78
CA HIS D 79 12.77 22.66 11.96
C HIS D 79 11.47 22.47 12.72
N PRO D 80 11.49 22.48 14.07
CA PRO D 80 10.25 22.20 14.83
C PRO D 80 9.08 23.13 14.52
N SER D 81 9.36 24.33 14.00
CA SER D 81 8.26 25.26 13.73
C SER D 81 7.43 24.80 12.54
N ARG D 82 7.94 23.91 11.71
CA ARG D 82 7.11 23.58 10.57
CA ARG D 82 7.19 23.58 10.51
C ARG D 82 7.17 22.08 10.27
N SER D 83 7.84 21.33 11.14
CA SER D 83 8.02 19.91 10.88
C SER D 83 6.71 19.08 11.04
N GLN D 84 5.65 19.61 11.70
CA GLN D 84 4.37 18.92 11.83
C GLN D 84 3.82 18.45 10.46
N VAL D 85 3.97 19.29 9.42
CA VAL D 85 3.45 18.90 8.11
C VAL D 85 4.22 17.67 7.63
N LEU D 86 5.50 17.60 7.98
CA LEU D 86 6.35 16.48 7.65
C LEU D 86 6.04 15.22 8.44
N ARG D 87 5.80 15.34 9.74
CA ARG D 87 5.37 14.19 10.55
CA ARG D 87 5.34 14.25 10.59
C ARG D 87 4.08 13.61 9.98
N ASP D 88 3.14 14.48 9.60
CA ASP D 88 1.88 13.98 9.03
C ASP D 88 2.11 13.22 7.74
N TYR D 89 3.04 13.71 6.91
CA TYR D 89 3.39 13.01 5.68
C TYR D 89 3.98 11.64 5.99
N LEU D 90 4.95 11.58 6.93
CA LEU D 90 5.59 10.31 7.22
C LEU D 90 4.64 9.30 7.87
N ASP D 91 3.54 9.78 8.48
CA ASP D 91 2.56 8.89 9.13
C ASP D 91 1.40 8.54 8.19
N GLY D 92 1.62 8.54 6.87
CA GLY D 92 0.54 8.23 5.94
C GLY D 92 -0.08 6.85 6.11
N SER D 93 0.64 5.88 6.68
CA SER D 93 0.06 4.54 6.86
C SER D 93 -1.15 4.58 7.79
N SER D 94 -1.32 5.62 8.60
CA SER D 94 -2.42 5.63 9.56
C SER D 94 -3.78 5.75 8.88
N GLY D 95 -3.84 6.38 7.70
CA GLY D 95 -5.11 6.64 7.05
C GLY D 95 -5.94 7.66 7.82
N SER D 96 -5.28 8.47 8.65
CA SER D 96 -5.94 9.56 9.33
CA SER D 96 -5.86 9.61 9.33
C SER D 96 -6.53 10.53 8.31
N GLY D 97 -7.81 10.81 8.52
CA GLY D 97 -8.49 11.77 7.67
C GLY D 97 -9.14 11.14 6.44
N THR D 98 -9.05 9.81 6.25
CA THR D 98 -9.71 9.21 5.10
C THR D 98 -11.20 8.99 5.38
N PRO D 99 -12.04 8.93 4.32
CA PRO D 99 -13.44 8.53 4.50
C PRO D 99 -13.52 7.14 5.13
N GLU D 100 -12.59 6.24 4.74
CA GLU D 100 -12.56 4.90 5.26
C GLU D 100 -12.41 4.90 6.78
N GLU D 101 -11.52 5.75 7.32
CA GLU D 101 -11.35 5.82 8.77
C GLU D 101 -12.67 6.21 9.44
N ARG D 102 -13.41 7.17 8.87
CA ARG D 102 -14.70 7.56 9.44
C ARG D 102 -15.66 6.39 9.43
N LEU D 103 -15.71 5.66 8.32
CA LEU D 103 -16.63 4.53 8.22
C LEU D 103 -16.27 3.45 9.23
N LEU D 104 -14.97 3.12 9.37
CA LEU D 104 -14.58 2.09 10.32
CA LEU D 104 -14.58 2.09 10.33
C LEU D 104 -14.88 2.53 11.75
N ARG D 105 -14.70 3.82 12.08
CA ARG D 105 -15.00 4.31 13.44
C ARG D 105 -16.49 4.06 13.72
N ALA D 106 -17.34 4.30 12.72
CA ALA D 106 -18.77 4.19 12.91
C ALA D 106 -19.17 2.73 13.05
N ILE D 107 -18.58 1.85 12.24
CA ILE D 107 -18.94 0.43 12.32
C ILE D 107 -18.43 -0.15 13.65
N PHE D 108 -17.18 0.14 14.01
CA PHE D 108 -16.55 -0.55 15.16
C PHE D 108 -16.77 0.17 16.47
N GLY D 109 -17.34 1.38 16.43
CA GLY D 109 -17.80 2.04 17.66
C GLY D 109 -16.65 2.76 18.35
N ILE E 14 -16.12 -10.11 15.03
CA ILE E 14 -16.35 -10.41 13.55
C ILE E 14 -15.45 -11.58 13.17
N TRP E 15 -14.32 -11.71 13.88
CA TRP E 15 -13.30 -12.70 13.58
C TRP E 15 -13.46 -13.99 14.39
N ASN E 16 -14.54 -14.04 15.24
CA ASN E 16 -14.73 -15.17 16.15
C ASN E 16 -16.13 -15.77 15.93
N TRP E 17 -17.12 -15.49 16.68
CA TRP E 17 -18.37 -16.24 16.68
C TRP E 17 -19.14 -16.06 15.37
N GLN E 18 -18.99 -14.91 14.72
CA GLN E 18 -19.82 -14.64 13.55
C GLN E 18 -19.51 -15.61 12.41
N LEU E 19 -18.30 -16.23 12.42
CA LEU E 19 -17.96 -17.17 11.35
C LEU E 19 -18.89 -18.38 11.33
N GLN E 20 -19.59 -18.61 12.46
CA GLN E 20 -20.48 -19.77 12.57
C GLN E 20 -21.94 -19.36 12.52
N GLY E 21 -22.25 -18.08 12.26
CA GLY E 21 -23.67 -17.71 12.33
C GLY E 21 -24.50 -18.44 11.28
N LEU E 22 -25.67 -18.91 11.71
CA LEU E 22 -26.49 -19.69 10.77
C LEU E 22 -27.09 -18.79 9.68
N CYS E 23 -27.26 -17.52 9.99
CA CYS E 23 -27.84 -16.57 9.04
C CYS E 23 -26.82 -16.02 8.04
N ARG E 24 -25.55 -16.43 8.08
CA ARG E 24 -24.57 -15.82 7.17
C ARG E 24 -25.05 -15.93 5.72
N GLY E 25 -25.01 -14.82 4.95
CA GLY E 25 -25.46 -14.81 3.56
C GLY E 25 -26.98 -14.69 3.37
N MET E 26 -27.78 -14.71 4.44
CA MET E 26 -29.22 -14.58 4.29
C MET E 26 -29.54 -13.14 3.95
N ASP E 27 -30.72 -12.99 3.33
CA ASP E 27 -31.15 -11.63 3.08
C ASP E 27 -31.28 -11.04 4.46
N SER E 28 -30.72 -9.83 4.63
CA SER E 28 -30.85 -9.18 5.92
C SER E 28 -32.31 -8.83 6.22
N SER E 29 -33.14 -8.75 5.18
CA SER E 29 -34.55 -8.51 5.36
C SER E 29 -35.18 -9.61 6.22
N MET E 30 -34.52 -10.74 6.37
CA MET E 30 -35.01 -11.77 7.27
C MET E 30 -34.95 -11.24 8.72
N PHE E 31 -33.94 -10.42 9.02
CA PHE E 31 -33.62 -10.07 10.40
C PHE E 31 -33.92 -8.61 10.68
N PHE E 32 -34.27 -7.83 9.64
CA PHE E 32 -34.56 -6.41 9.81
C PHE E 32 -35.90 -6.12 9.17
N HIS E 33 -36.72 -5.32 9.87
CA HIS E 33 -38.02 -4.95 9.34
C HIS E 33 -37.91 -3.79 8.37
N PRO E 34 -38.68 -3.80 7.26
CA PRO E 34 -38.82 -2.61 6.41
C PRO E 34 -39.35 -1.46 7.27
N ASP E 35 -38.91 -0.25 6.90
CA ASP E 35 -39.35 0.95 7.58
C ASP E 35 -40.88 0.94 7.64
N GLY E 36 -41.44 1.16 8.84
CA GLY E 36 -42.88 1.33 9.01
C GLY E 36 -43.67 0.03 9.13
N GLU E 37 -43.01 -1.13 9.07
CA GLU E 37 -43.72 -2.39 9.20
C GLU E 37 -44.21 -2.56 10.63
N ARG E 38 -45.49 -2.86 10.76
CA ARG E 38 -46.12 -3.05 12.05
C ARG E 38 -47.05 -4.25 11.97
N GLY E 39 -47.66 -4.55 13.12
CA GLY E 39 -48.74 -5.52 13.14
C GLY E 39 -48.28 -6.92 12.76
N ARG E 40 -49.15 -7.64 12.06
CA ARG E 40 -48.94 -9.07 11.83
C ARG E 40 -47.70 -9.30 10.97
N ALA E 41 -47.46 -8.43 9.98
CA ALA E 41 -46.30 -8.63 9.12
C ALA E 41 -45.01 -8.56 9.94
N ARG E 42 -44.94 -7.62 10.89
CA ARG E 42 -43.77 -7.49 11.75
C ARG E 42 -43.60 -8.74 12.62
N THR E 43 -44.70 -9.21 13.23
CA THR E 43 -44.61 -10.38 14.10
C THR E 43 -44.17 -11.59 13.29
N GLN E 44 -44.76 -11.79 12.09
CA GLN E 44 -44.41 -12.95 11.28
CA GLN E 44 -44.41 -12.95 11.28
C GLN E 44 -42.93 -12.95 10.89
N ARG E 45 -42.42 -11.76 10.53
CA ARG E 45 -41.00 -11.69 10.15
C ARG E 45 -40.12 -12.04 11.35
N GLU E 46 -40.45 -11.48 12.53
CA GLU E 46 -39.65 -11.72 13.72
CA GLU E 46 -39.66 -11.72 13.75
C GLU E 46 -39.68 -13.20 14.08
N GLN E 47 -40.86 -13.84 13.97
CA GLN E 47 -40.95 -15.27 14.27
C GLN E 47 -40.06 -16.12 13.34
N ARG E 48 -40.04 -15.77 12.05
CA ARG E 48 -39.21 -16.52 11.11
CA ARG E 48 -39.20 -16.52 11.10
C ARG E 48 -37.72 -16.33 11.45
N ALA E 49 -37.31 -15.12 11.83
CA ALA E 49 -35.92 -14.88 12.21
C ALA E 49 -35.55 -15.71 13.44
N LYS E 50 -36.41 -15.65 14.46
CA LYS E 50 -36.12 -16.35 15.71
C LYS E 50 -36.04 -17.85 15.50
N GLU E 51 -36.81 -18.41 14.54
CA GLU E 51 -36.77 -19.82 14.23
CA GLU E 51 -36.75 -19.83 14.27
C GLU E 51 -35.37 -20.23 13.77
N MET E 52 -34.70 -19.32 13.04
CA MET E 52 -33.34 -19.58 12.61
C MET E 52 -32.36 -19.44 13.78
N CYS E 53 -32.48 -18.35 14.57
CA CYS E 53 -31.57 -18.19 15.70
C CYS E 53 -31.59 -19.40 16.62
N ARG E 54 -32.79 -19.98 16.82
CA ARG E 54 -32.91 -21.08 17.77
C ARG E 54 -32.44 -22.41 17.17
N ARG E 55 -31.83 -22.37 15.97
CA ARG E 55 -31.10 -23.50 15.42
C ARG E 55 -29.63 -23.12 15.24
N CYS E 56 -29.20 -21.97 15.78
CA CYS E 56 -27.87 -21.44 15.44
C CYS E 56 -26.86 -21.81 16.53
N PRO E 57 -25.63 -22.23 16.15
CA PRO E 57 -24.61 -22.59 17.13
C PRO E 57 -24.04 -21.44 17.95
N VAL E 58 -24.30 -20.18 17.53
CA VAL E 58 -23.71 -19.04 18.22
C VAL E 58 -24.77 -18.09 18.77
N ILE E 59 -25.98 -18.61 19.01
CA ILE E 59 -27.05 -17.75 19.50
C ILE E 59 -26.65 -17.05 20.80
N GLU E 60 -25.95 -17.74 21.73
CA GLU E 60 -25.63 -17.06 22.98
C GLU E 60 -24.62 -15.94 22.79
N ALA E 61 -23.61 -16.17 21.93
CA ALA E 61 -22.62 -15.13 21.67
C ALA E 61 -23.27 -13.93 20.98
N CYS E 62 -24.19 -14.21 20.04
CA CYS E 62 -24.86 -13.17 19.27
C CYS E 62 -25.74 -12.36 20.23
N ARG E 63 -26.54 -13.06 21.05
CA ARG E 63 -27.35 -12.41 22.08
C ARG E 63 -26.50 -11.52 22.98
N SER E 64 -25.38 -12.08 23.47
CA SER E 64 -24.51 -11.35 24.38
C SER E 64 -23.97 -10.06 23.73
N HIS E 65 -23.50 -10.17 22.48
CA HIS E 65 -23.01 -9.01 21.75
C HIS E 65 -24.12 -7.96 21.68
N ALA E 66 -25.31 -8.37 21.21
CA ALA E 66 -26.36 -7.39 20.96
C ALA E 66 -26.76 -6.66 22.25
N LEU E 67 -26.76 -7.40 23.37
CA LEU E 67 -27.13 -6.76 24.63
C LEU E 67 -26.00 -5.88 25.18
N GLU E 68 -24.75 -6.33 25.01
CA GLU E 68 -23.58 -5.62 25.53
C GLU E 68 -23.45 -4.25 24.88
N VAL E 69 -23.71 -4.19 23.56
CA VAL E 69 -23.51 -2.93 22.86
C VAL E 69 -24.85 -2.22 22.59
N GLY E 70 -25.96 -2.89 22.92
CA GLY E 70 -27.27 -2.30 22.70
C GLY E 70 -27.53 -2.10 21.21
N GLU E 71 -27.36 -3.17 20.40
CA GLU E 71 -27.62 -3.04 18.95
C GLU E 71 -29.05 -2.52 18.76
N PRO E 72 -29.25 -1.36 18.11
CA PRO E 72 -30.57 -0.73 18.10
C PRO E 72 -31.63 -1.31 17.16
N TYR E 73 -31.19 -2.09 16.15
CA TYR E 73 -32.12 -2.66 15.18
C TYR E 73 -31.78 -4.11 14.89
N GLY E 74 -32.80 -4.85 14.49
CA GLY E 74 -32.62 -6.22 14.01
C GLY E 74 -32.94 -7.24 15.08
N VAL E 75 -33.20 -8.47 14.63
CA VAL E 75 -33.22 -9.64 15.49
C VAL E 75 -31.77 -10.11 15.62
N TRP E 76 -31.32 -10.32 16.86
CA TRP E 76 -30.02 -10.86 17.20
C TRP E 76 -30.22 -11.86 18.32
N GLY E 77 -29.56 -13.02 18.23
CA GLY E 77 -29.55 -13.92 19.39
C GLY E 77 -30.95 -14.39 19.78
N GLY E 78 -31.88 -14.47 18.81
CA GLY E 78 -33.23 -14.93 19.10
C GLY E 78 -34.09 -13.87 19.79
N LEU E 79 -33.61 -12.61 19.88
CA LEU E 79 -34.35 -11.55 20.54
C LEU E 79 -34.67 -10.44 19.57
N SER E 80 -35.92 -9.96 19.60
CA SER E 80 -36.27 -8.78 18.84
C SER E 80 -35.67 -7.51 19.45
N GLU E 81 -35.64 -6.41 18.69
CA GLU E 81 -35.20 -5.13 19.23
C GLU E 81 -36.03 -4.75 20.47
N SER E 82 -37.36 -4.91 20.39
CA SER E 82 -38.19 -4.49 21.52
C SER E 82 -37.93 -5.38 22.75
N GLU E 83 -37.63 -6.67 22.53
CA GLU E 83 -37.32 -7.55 23.65
C GLU E 83 -36.02 -7.12 24.29
N ARG E 84 -35.01 -6.78 23.47
CA ARG E 84 -33.74 -6.33 24.02
C ARG E 84 -33.92 -5.02 24.78
N ASP E 85 -34.75 -4.10 24.25
CA ASP E 85 -34.97 -2.83 24.94
C ASP E 85 -35.48 -3.07 26.36
N LEU E 86 -36.44 -4.00 26.50
CA LEU E 86 -37.05 -4.28 27.79
C LEU E 86 -36.01 -4.85 28.74
N LEU E 87 -35.13 -5.73 28.23
CA LEU E 87 -34.07 -6.31 29.05
C LEU E 87 -33.07 -5.26 29.50
N LEU E 88 -32.80 -4.27 28.63
CA LEU E 88 -31.78 -3.28 28.95
C LEU E 88 -32.30 -2.14 29.82
N LYS E 89 -33.63 -2.03 29.94
CA LYS E 89 -34.28 -0.98 30.72
C LYS E 89 -34.02 -1.21 32.22
N ALA F 2 -7.46 0.71 -12.14
CA ALA F 2 -8.53 -0.10 -12.87
C ALA F 2 -9.26 -0.96 -11.83
N HIS F 3 -8.57 -1.11 -10.71
CA HIS F 3 -8.99 -1.93 -9.58
C HIS F 3 -8.04 -1.61 -8.44
N HIS F 4 -7.03 -0.72 -8.66
CA HIS F 4 -5.98 -0.63 -7.63
C HIS F 4 -6.35 0.24 -6.45
N HIS F 5 -7.30 1.18 -6.56
CA HIS F 5 -7.53 2.19 -5.54
C HIS F 5 -7.74 1.54 -4.17
N HIS F 6 -6.89 1.91 -3.22
CA HIS F 6 -6.98 1.36 -1.87
C HIS F 6 -6.48 2.39 -0.88
N HIS F 7 -6.85 2.14 0.39
CA HIS F 7 -6.38 2.99 1.48
C HIS F 7 -5.83 2.13 2.61
N HIS F 8 -4.68 2.56 3.14
CA HIS F 8 -4.12 1.97 4.35
C HIS F 8 -4.65 2.73 5.56
N VAL F 9 -5.23 1.99 6.49
CA VAL F 9 -5.80 2.64 7.68
CA VAL F 9 -5.74 2.66 7.68
C VAL F 9 -5.39 1.82 8.89
N ALA F 10 -5.01 2.51 9.96
CA ALA F 10 -4.80 1.86 11.23
C ALA F 10 -5.93 2.22 12.19
N VAL F 11 -6.41 1.23 12.94
CA VAL F 11 -7.30 1.46 14.06
C VAL F 11 -6.66 0.75 15.25
N ASP F 12 -6.30 1.50 16.28
CA ASP F 12 -5.50 0.94 17.35
C ASP F 12 -4.21 0.34 16.78
N ALA F 13 -3.67 -0.77 17.29
CA ALA F 13 -2.47 -1.43 16.80
C ALA F 13 -2.75 -2.25 15.53
N VAL F 14 -3.92 -2.07 14.91
CA VAL F 14 -4.35 -2.97 13.86
C VAL F 14 -4.37 -2.23 12.51
N SER F 15 -3.80 -2.87 11.48
CA SER F 15 -3.70 -2.23 10.18
CA SER F 15 -3.72 -2.21 10.18
C SER F 15 -4.64 -2.91 9.19
N PHE F 16 -5.23 -2.12 8.30
CA PHE F 16 -6.09 -2.64 7.24
C PHE F 16 -5.66 -2.04 5.89
N THR F 17 -5.85 -2.82 4.83
CA THR F 17 -5.72 -2.31 3.47
C THR F 17 -7.10 -2.48 2.84
N LEU F 18 -7.72 -1.37 2.43
CA LEU F 18 -9.15 -1.36 2.12
C LEU F 18 -9.35 -0.98 0.65
N LEU F 19 -9.82 -1.94 -0.14
CA LEU F 19 -9.95 -1.74 -1.59
CA LEU F 19 -9.95 -1.73 -1.58
C LEU F 19 -11.28 -1.07 -1.90
N GLN F 20 -11.25 -0.03 -2.75
CA GLN F 20 -12.46 0.65 -3.19
C GLN F 20 -13.44 -0.33 -3.83
N ASP F 21 -12.98 -1.29 -4.64
CA ASP F 21 -13.94 -2.20 -5.29
CA ASP F 21 -13.98 -2.16 -5.28
C ASP F 21 -14.72 -3.02 -4.27
N GLN F 22 -14.04 -3.44 -3.18
CA GLN F 22 -14.72 -4.25 -2.18
C GLN F 22 -15.60 -3.38 -1.29
N LEU F 23 -15.23 -2.10 -1.08
CA LEU F 23 -16.15 -1.19 -0.38
C LEU F 23 -17.45 -1.06 -1.18
N GLN F 24 -17.34 -0.95 -2.52
CA GLN F 24 -18.54 -0.87 -3.35
CA GLN F 24 -18.54 -0.87 -3.35
C GLN F 24 -19.41 -2.10 -3.14
N SER F 25 -18.81 -3.29 -3.00
CA SER F 25 -19.56 -4.52 -2.75
C SER F 25 -20.30 -4.44 -1.41
N VAL F 26 -19.65 -3.90 -0.37
CA VAL F 26 -20.32 -3.73 0.91
C VAL F 26 -21.54 -2.80 0.69
N LEU F 27 -21.37 -1.67 -0.03
CA LEU F 27 -22.46 -0.72 -0.18
CA LEU F 27 -22.46 -0.71 -0.19
C LEU F 27 -23.58 -1.31 -1.05
N ASP F 28 -23.22 -2.18 -2.01
CA ASP F 28 -24.17 -2.78 -2.93
C ASP F 28 -25.17 -3.66 -2.20
N THR F 29 -24.80 -4.10 -1.00
CA THR F 29 -25.69 -4.94 -0.22
C THR F 29 -26.78 -4.13 0.49
N LEU F 30 -26.70 -2.79 0.50
CA LEU F 30 -27.67 -1.94 1.19
C LEU F 30 -28.72 -1.42 0.20
N SER F 31 -29.83 -0.86 0.72
CA SER F 31 -30.81 -0.20 -0.15
C SER F 31 -30.23 1.08 -0.73
N GLU F 32 -30.91 1.67 -1.72
CA GLU F 32 -30.43 2.91 -2.32
CA GLU F 32 -30.44 2.92 -2.32
C GLU F 32 -30.33 4.02 -1.26
N ARG F 33 -31.37 4.16 -0.43
CA ARG F 33 -31.30 5.23 0.56
C ARG F 33 -30.26 4.93 1.64
N GLU F 34 -30.18 3.70 2.11
CA GLU F 34 -29.17 3.39 3.12
C GLU F 34 -27.77 3.68 2.59
N ALA F 35 -27.45 3.22 1.37
CA ALA F 35 -26.11 3.45 0.83
C ALA F 35 -25.91 4.95 0.60
N GLY F 36 -26.96 5.66 0.18
CA GLY F 36 -26.81 7.10 -0.05
C GLY F 36 -26.54 7.85 1.25
N VAL F 37 -27.24 7.49 2.32
CA VAL F 37 -26.99 8.11 3.63
C VAL F 37 -25.55 7.82 4.07
N VAL F 38 -25.07 6.58 3.94
CA VAL F 38 -23.69 6.25 4.30
C VAL F 38 -22.70 7.06 3.46
N ARG F 39 -22.90 7.13 2.14
CA ARG F 39 -21.98 7.88 1.30
CA ARG F 39 -21.94 7.87 1.33
C ARG F 39 -21.93 9.34 1.77
N LEU F 40 -23.11 9.95 2.00
CA LEU F 40 -23.13 11.35 2.38
C LEU F 40 -22.53 11.57 3.76
N ARG F 41 -22.90 10.72 4.71
CA ARG F 41 -22.48 10.94 6.09
C ARG F 41 -20.98 10.87 6.21
N PHE F 42 -20.35 9.95 5.49
CA PHE F 42 -18.90 9.74 5.68
C PHE F 42 -18.09 10.42 4.60
N GLY F 43 -18.77 11.07 3.64
CA GLY F 43 -18.06 11.78 2.59
C GLY F 43 -17.37 10.83 1.61
N LEU F 44 -18.02 9.70 1.28
CA LEU F 44 -17.36 8.68 0.48
C LEU F 44 -17.18 9.13 -0.97
N THR F 45 -18.02 10.05 -1.47
CA THR F 45 -17.97 10.47 -2.86
C THR F 45 -17.24 11.80 -3.05
N ASP F 46 -17.67 12.85 -2.33
CA ASP F 46 -17.12 14.19 -2.56
C ASP F 46 -16.12 14.60 -1.48
N GLY F 47 -15.90 13.72 -0.51
CA GLY F 47 -14.93 13.91 0.55
C GLY F 47 -15.47 14.76 1.70
N GLN F 48 -16.69 15.28 1.58
CA GLN F 48 -17.26 16.20 2.57
C GLN F 48 -18.32 15.45 3.36
N PRO F 49 -18.03 15.04 4.61
CA PRO F 49 -19.03 14.37 5.41
C PRO F 49 -20.16 15.36 5.71
N ARG F 50 -21.40 14.92 5.58
CA ARG F 50 -22.54 15.81 5.68
C ARG F 50 -23.22 15.71 7.06
N THR F 51 -23.84 16.84 7.47
CA THR F 51 -24.59 16.82 8.71
C THR F 51 -25.92 16.07 8.54
N LEU F 52 -26.54 15.71 9.66
CA LEU F 52 -27.83 15.04 9.58
C LEU F 52 -28.87 15.94 8.91
N ASP F 53 -28.82 17.25 9.18
CA ASP F 53 -29.73 18.21 8.54
C ASP F 53 -29.50 18.22 7.03
N GLU F 54 -28.23 18.23 6.56
CA GLU F 54 -27.97 18.25 5.13
C GLU F 54 -28.53 16.97 4.49
N ILE F 55 -28.34 15.82 5.14
CA ILE F 55 -28.80 14.56 4.58
C ILE F 55 -30.33 14.53 4.61
N GLY F 56 -30.93 15.02 5.68
CA GLY F 56 -32.39 15.11 5.79
C GLY F 56 -32.95 15.90 4.62
N GLN F 57 -32.26 16.98 4.25
CA GLN F 57 -32.71 17.79 3.12
C GLN F 57 -32.69 16.99 1.82
N VAL F 58 -31.64 16.19 1.61
CA VAL F 58 -31.53 15.36 0.43
C VAL F 58 -32.70 14.38 0.35
N TYR F 59 -33.02 13.72 1.49
CA TYR F 59 -34.00 12.65 1.48
C TYR F 59 -35.41 13.08 1.87
N GLY F 60 -35.62 14.37 2.17
CA GLY F 60 -36.93 14.90 2.49
C GLY F 60 -37.48 14.38 3.81
N VAL F 61 -36.61 14.17 4.81
CA VAL F 61 -37.01 13.65 6.11
C VAL F 61 -36.29 14.45 7.19
N THR F 62 -36.69 14.22 8.46
CA THR F 62 -36.13 14.95 9.59
C THR F 62 -34.71 14.48 9.92
N ARG F 63 -33.99 15.31 10.67
CA ARG F 63 -32.68 14.92 11.19
C ARG F 63 -32.79 13.64 12.03
N GLU F 64 -33.87 13.50 12.82
CA GLU F 64 -34.05 12.30 13.63
C GLU F 64 -34.23 11.06 12.74
N ARG F 65 -34.95 11.23 11.64
CA ARG F 65 -35.10 10.09 10.72
C ARG F 65 -33.75 9.67 10.16
N ILE F 66 -32.90 10.63 9.77
CA ILE F 66 -31.58 10.25 9.28
C ILE F 66 -30.78 9.56 10.36
N ARG F 67 -30.86 10.05 11.61
CA ARG F 67 -30.14 9.36 12.69
C ARG F 67 -30.60 7.90 12.77
N GLN F 68 -31.91 7.64 12.66
CA GLN F 68 -32.44 6.29 12.71
C GLN F 68 -31.95 5.46 11.52
N ILE F 69 -31.98 6.03 10.29
CA ILE F 69 -31.48 5.30 9.13
C ILE F 69 -30.01 4.95 9.31
N GLU F 70 -29.19 5.91 9.75
CA GLU F 70 -27.77 5.63 9.94
C GLU F 70 -27.60 4.52 10.98
N SER F 71 -28.35 4.60 12.07
CA SER F 71 -28.24 3.63 13.17
CA SER F 71 -28.15 3.62 13.13
C SER F 71 -28.60 2.23 12.67
N LYS F 72 -29.70 2.14 11.93
CA LYS F 72 -30.14 0.85 11.41
C LYS F 72 -29.12 0.30 10.41
N THR F 73 -28.58 1.18 9.58
CA THR F 73 -27.60 0.73 8.58
C THR F 73 -26.35 0.17 9.24
N MET F 74 -25.89 0.81 10.33
CA MET F 74 -24.71 0.31 11.02
C MET F 74 -25.01 -1.04 11.65
N SER F 75 -26.22 -1.21 12.23
CA SER F 75 -26.63 -2.54 12.74
C SER F 75 -26.61 -3.57 11.63
N LYS F 76 -27.13 -3.20 10.45
CA LYS F 76 -27.11 -4.15 9.34
C LYS F 76 -25.68 -4.53 8.96
N LEU F 77 -24.79 -3.54 8.87
CA LEU F 77 -23.41 -3.82 8.45
C LEU F 77 -22.71 -4.76 9.43
N ARG F 78 -23.06 -4.69 10.73
CA ARG F 78 -22.43 -5.52 11.77
C ARG F 78 -23.13 -6.86 11.96
N HIS F 79 -24.32 -7.01 11.37
CA HIS F 79 -25.09 -8.21 11.65
C HIS F 79 -24.46 -9.42 11.02
N PRO F 80 -24.46 -10.60 11.69
CA PRO F 80 -23.75 -11.74 11.12
C PRO F 80 -24.21 -12.14 9.73
N SER F 81 -25.47 -11.80 9.36
CA SER F 81 -25.98 -12.19 8.06
C SER F 81 -25.19 -11.51 6.93
N ARG F 82 -24.54 -10.40 7.18
CA ARG F 82 -23.72 -9.67 6.16
C ARG F 82 -22.26 -9.62 6.54
N SER F 83 -21.82 -10.45 7.44
CA SER F 83 -20.48 -10.33 7.97
C SER F 83 -19.42 -10.89 7.03
N GLN F 84 -19.81 -11.69 6.04
CA GLN F 84 -18.77 -12.20 5.15
C GLN F 84 -18.25 -11.10 4.22
N VAL F 85 -19.17 -10.32 3.69
CA VAL F 85 -18.77 -9.19 2.79
CA VAL F 85 -18.77 -9.19 2.79
C VAL F 85 -17.84 -8.12 3.46
N LEU F 86 -18.12 -7.96 4.75
CA LEU F 86 -17.34 -7.02 5.56
C LEU F 86 -15.99 -7.65 5.94
N ARG F 87 -15.95 -8.94 6.32
CA ARG F 87 -14.68 -9.58 6.60
C ARG F 87 -13.78 -9.52 5.37
N ASP F 88 -14.35 -9.78 4.19
CA ASP F 88 -13.53 -9.73 2.97
C ASP F 88 -12.99 -8.33 2.73
N TYR F 89 -13.79 -7.29 2.99
CA TYR F 89 -13.31 -5.91 2.88
C TYR F 89 -12.15 -5.67 3.84
N LEU F 90 -12.30 -6.06 5.11
CA LEU F 90 -11.24 -5.77 6.08
C LEU F 90 -9.97 -6.58 5.81
N ASP F 91 -10.06 -7.69 5.06
CA ASP F 91 -8.91 -8.52 4.72
C ASP F 91 -8.28 -8.12 3.38
N GLY F 92 -8.42 -6.86 2.95
CA GLY F 92 -7.88 -6.45 1.66
C GLY F 92 -6.37 -6.64 1.53
N SER F 93 -5.61 -6.59 2.64
CA SER F 93 -4.16 -6.76 2.55
C SER F 93 -3.74 -8.10 1.97
N SER F 94 -4.63 -9.11 1.98
CA SER F 94 -4.24 -10.43 1.51
CA SER F 94 -4.24 -10.44 1.51
C SER F 94 -3.98 -10.46 -0.01
N GLY F 95 -4.66 -9.58 -0.75
CA GLY F 95 -4.60 -9.63 -2.19
C GLY F 95 -5.22 -10.90 -2.75
N SER F 96 -6.12 -11.52 -1.96
CA SER F 96 -6.89 -12.64 -2.43
CA SER F 96 -6.95 -12.62 -2.37
C SER F 96 -7.72 -12.25 -3.64
N GLY F 97 -7.62 -13.05 -4.67
CA GLY F 97 -8.38 -12.81 -5.89
C GLY F 97 -7.68 -11.92 -6.91
N THR F 98 -6.47 -11.43 -6.64
CA THR F 98 -5.78 -10.61 -7.63
C THR F 98 -5.14 -11.50 -8.70
N PRO F 99 -4.88 -10.94 -9.90
CA PRO F 99 -4.06 -11.64 -10.90
C PRO F 99 -2.68 -11.94 -10.32
N GLU F 100 -2.13 -10.96 -9.56
CA GLU F 100 -0.79 -11.11 -8.96
C GLU F 100 -0.75 -12.34 -8.07
N GLU F 101 -1.80 -12.59 -7.25
CA GLU F 101 -1.78 -13.76 -6.39
C GLU F 101 -1.69 -15.03 -7.24
N ARG F 102 -2.43 -15.09 -8.36
CA ARG F 102 -2.37 -16.27 -9.22
C ARG F 102 -0.95 -16.44 -9.77
N LEU F 103 -0.33 -15.34 -10.23
CA LEU F 103 1.02 -15.42 -10.80
C LEU F 103 2.02 -15.90 -9.75
N LEU F 104 1.95 -15.32 -8.52
CA LEU F 104 2.91 -15.74 -7.50
C LEU F 104 2.70 -17.21 -7.14
N ARG F 105 1.44 -17.69 -7.08
CA ARG F 105 1.20 -19.10 -6.78
C ARG F 105 1.90 -19.98 -7.82
N ALA F 106 1.85 -19.56 -9.09
CA ALA F 106 2.43 -20.37 -10.14
C ALA F 106 3.95 -20.35 -10.08
N ILE F 107 4.53 -19.17 -9.80
CA ILE F 107 5.99 -19.08 -9.73
C ILE F 107 6.53 -19.88 -8.53
N PHE F 108 5.86 -19.75 -7.36
CA PHE F 108 6.39 -20.33 -6.13
C PHE F 108 5.95 -21.78 -5.90
N GLY F 109 4.95 -22.24 -6.67
CA GLY F 109 4.56 -23.64 -6.63
C GLY F 109 3.58 -23.89 -5.48
FE1 SF4 G . 24.77 -22.63 -13.73
FE2 SF4 G . 25.52 -21.13 -11.54
FE3 SF4 G . 23.07 -22.29 -11.67
FE4 SF4 G . 23.66 -20.20 -13.28
S1 SF4 G . 23.54 -20.18 -10.95
S2 SF4 G . 22.58 -22.09 -13.90
S3 SF4 G . 25.86 -20.61 -13.78
S4 SF4 G . 25.08 -23.35 -11.57
S SO4 H . 29.08 -33.37 -19.67
O1 SO4 H . 30.23 -32.50 -19.75
O2 SO4 H . 29.49 -34.74 -19.60
O3 SO4 H . 28.29 -33.20 -20.85
O4 SO4 H . 28.27 -33.06 -18.53
S SO4 I . 11.06 -28.93 -28.21
O1 SO4 I . 10.87 -30.19 -28.87
O2 SO4 I . 10.76 -29.07 -26.79
O3 SO4 I . 12.42 -28.50 -28.39
O4 SO4 I . 10.18 -27.95 -28.79
S SO4 J . 18.10 -32.65 -22.72
O1 SO4 J . 19.14 -33.64 -22.91
O2 SO4 J . 16.86 -33.16 -23.23
O3 SO4 J . 18.47 -31.44 -23.42
O4 SO4 J . 17.97 -32.36 -21.33
NI NI K . -0.57 0.54 -0.88
NI NI L . -3.40 -4.38 -11.16
NI NI M . 0.98 5.99 -10.99
S SO4 N . -7.21 -25.70 -17.58
O1 SO4 N . -6.01 -25.93 -16.83
O2 SO4 N . -7.09 -26.32 -18.88
O3 SO4 N . -7.38 -24.30 -17.77
O4 SO4 N . -8.34 -26.25 -16.88
S SO4 O . -4.23 1.78 -14.28
O1 SO4 O . -3.24 1.22 -15.18
O2 SO4 O . -5.22 0.79 -13.95
O3 SO4 O . -4.84 2.92 -14.90
O4 SO4 O . -3.59 2.17 -13.05
S SO4 P . -16.36 -9.92 -20.73
O1 SO4 P . -16.17 -11.27 -20.27
O2 SO4 P . -15.72 -9.77 -22.00
O3 SO4 P . -17.77 -9.65 -20.88
O4 SO4 P . -15.82 -9.00 -19.78
S SO4 Q . 5.34 -23.81 -32.13
O1 SO4 Q . 5.96 -24.24 -33.36
O2 SO4 Q . 4.66 -24.92 -31.51
O3 SO4 Q . 6.38 -23.33 -31.24
O4 SO4 Q . 4.38 -22.77 -32.39
S SO4 R . 21.33 -9.04 -7.07
O1 SO4 R . 21.91 -8.79 -5.80
O2 SO4 R . 21.60 -10.44 -7.45
O3 SO4 R . 21.90 -8.19 -8.02
O4 SO4 R . 19.88 -8.89 -7.06
S SO4 S . 10.16 -12.45 -29.76
O1 SO4 S . 11.24 -13.29 -29.25
O2 SO4 S . 9.22 -13.25 -30.46
O3 SO4 S . 10.70 -11.46 -30.66
O4 SO4 S . 9.53 -11.80 -28.68
C TRS T . 5.09 12.26 -6.80
C1 TRS T . 6.32 11.35 -6.95
C2 TRS T . 4.03 11.87 -5.77
C3 TRS T . 4.39 12.37 -8.13
N TRS T . 5.56 13.66 -6.51
O1 TRS T . 6.15 9.91 -7.00
O2 TRS T . 3.85 10.47 -5.50
O3 TRS T . 3.99 11.06 -8.33
FE1 SF4 U . 13.60 27.39 19.74
FE2 SF4 U . 12.19 25.46 21.11
FE3 SF4 U . 13.94 24.76 19.17
FE4 SF4 U . 11.61 25.99 18.53
S1 SF4 U . 11.88 23.90 19.51
S2 SF4 U . 13.65 26.49 17.68
S3 SF4 U . 11.36 27.46 20.26
S4 SF4 U . 14.43 25.78 21.17
S SO4 V . 21.73 34.82 1.72
O1 SO4 V . 21.99 33.53 2.34
O2 SO4 V . 22.96 35.30 1.11
O3 SO4 V . 20.72 34.62 0.71
O4 SO4 V . 21.27 35.76 2.73
S SO4 W . 24.31 34.19 11.22
O1 SO4 W . 24.32 33.47 12.45
O2 SO4 W . 23.48 33.47 10.30
O3 SO4 W . 25.64 34.28 10.66
O4 SO4 W . 23.76 35.50 11.42
S SO4 X . 20.66 30.97 9.33
O1 SO4 X . 21.24 29.82 9.97
O2 SO4 X . 19.89 30.57 8.20
O3 SO4 X . 21.70 31.85 8.91
O4 SO4 X . 19.82 31.65 10.27
NI NI Y . -6.98 9.01 -5.49
NI NI Z . 4.12 9.23 -7.20
S SO4 AA . -1.72 10.40 -10.61
O1 SO4 AA . -0.47 9.86 -11.11
O2 SO4 AA . -2.28 9.50 -9.62
O3 SO4 AA . -2.64 10.57 -11.70
O4 SO4 AA . -1.50 11.68 -9.96
S SO4 BA . 25.13 17.57 -9.56
O1 SO4 BA . 25.69 16.46 -10.25
O2 SO4 BA . 25.06 17.31 -8.15
O3 SO4 BA . 25.97 18.71 -9.78
O4 SO4 BA . 23.83 17.84 -10.04
S SO4 CA . 19.07 35.40 -5.17
O1 SO4 CA . 20.21 34.55 -5.36
O2 SO4 CA . 18.40 35.02 -3.93
O3 SO4 CA . 19.49 36.77 -5.06
O4 SO4 CA . 18.21 35.23 -6.31
S SO4 DA . 6.72 33.23 -2.62
O1 SO4 DA . 8.05 33.45 -3.14
O2 SO4 DA . 6.22 32.00 -3.12
O3 SO4 DA . 5.87 34.31 -3.06
O4 SO4 DA . 6.76 33.19 -1.18
S SO4 EA . -5.34 6.21 -11.01
O1 SO4 EA . -4.72 5.63 -9.85
O2 SO4 EA . -4.78 5.67 -12.20
O3 SO4 EA . -5.17 7.66 -10.94
O4 SO4 EA . -6.76 5.88 -10.92
S SO4 FA . 30.84 24.75 -8.16
O1 SO4 FA . 31.75 24.19 -7.20
O2 SO4 FA . 30.04 23.70 -8.70
O3 SO4 FA . 31.59 25.34 -9.24
O4 SO4 FA . 30.02 25.74 -7.54
C TRS GA . -13.57 5.91 -1.85
C1 TRS GA . -12.71 6.44 -2.97
C2 TRS GA . -13.09 4.48 -1.67
C3 TRS GA . -13.41 6.73 -0.57
N TRS GA . -15.02 5.88 -2.31
O1 TRS GA . -12.21 7.66 -2.69
O2 TRS GA . -11.69 4.53 -1.49
O3 TRS GA . -12.03 6.93 -0.21
FE1 SF4 HA . -29.63 -15.44 14.87
FE2 SF4 HA . -27.30 -16.93 14.84
FE3 SF4 HA . -27.24 -14.34 15.54
FE4 SF4 HA . -27.71 -15.00 12.99
S1 SF4 HA . -25.77 -15.41 14.21
S2 SF4 HA . -28.82 -13.44 14.18
S3 SF4 HA . -28.98 -16.89 13.24
S4 SF4 HA . -28.30 -16.04 16.65
S SO4 IA . -16.66 -16.87 6.54
O1 SO4 IA . -15.62 -17.71 7.08
O2 SO4 IA . -17.18 -17.42 5.35
O3 SO4 IA . -16.11 -15.53 6.26
O4 SO4 IA . -17.72 -16.79 7.56
S SO4 JA . -53.55 -7.09 8.47
O1 SO4 JA . -52.67 -7.75 9.39
O2 SO4 JA . -53.11 -7.38 7.13
O3 SO4 JA . -53.48 -5.66 8.68
O4 SO4 JA . -54.88 -7.55 8.65
S SO4 KA . -39.90 2.60 11.23
O1 SO4 KA . -40.38 1.26 11.41
O2 SO4 KA . -38.75 2.81 12.07
O3 SO4 KA . -39.51 2.80 9.85
O4 SO4 KA . -40.93 3.54 11.59
NI NI LA . -10.70 6.40 -1.81
NI NI MA . -7.18 0.08 -10.38
S SO4 NA . -10.41 6.73 -8.69
O1 SO4 NA . -9.42 5.70 -8.43
O2 SO4 NA . -11.74 6.12 -8.67
O3 SO4 NA . -10.17 7.35 -9.95
O4 SO4 NA . -10.31 7.72 -7.64
S SO4 OA . -24.64 16.52 13.10
O1 SO4 OA . -24.27 15.31 13.79
O2 SO4 OA . -24.49 16.27 11.70
O3 SO4 OA . -23.85 17.62 13.51
O4 SO4 OA . -26.03 16.80 13.37
S SO4 PA . -17.29 22.35 -2.61
O1 SO4 PA . -16.39 21.26 -2.93
O2 SO4 PA . -17.52 22.36 -1.18
O3 SO4 PA . -18.55 22.16 -3.29
O4 SO4 PA . -16.70 23.59 -3.02
S SO4 QA . -39.75 7.15 5.54
O1 SO4 QA . -39.14 5.85 5.72
O2 SO4 QA . -41.15 7.04 5.76
O3 SO4 QA . -39.14 8.08 6.48
O4 SO4 QA . -39.53 7.64 4.20
C TRS RA . -1.98 -6.03 -13.51
C1 TRS RA . -2.85 -7.02 -12.71
C2 TRS RA . -2.89 -5.11 -14.27
C3 TRS RA . -0.98 -5.17 -12.73
N TRS RA . -1.23 -6.76 -14.59
O1 TRS RA . -3.49 -6.51 -11.50
O2 TRS RA . -3.48 -4.37 -13.26
O3 TRS RA . -1.33 -4.71 -11.42
#